data_8X68
#
_entry.id   8X68
#
_cell.length_a   77.421
_cell.length_b   84.119
_cell.length_c   62.930
_cell.angle_alpha   90.00
_cell.angle_beta   100.94
_cell.angle_gamma   90.00
#
_symmetry.space_group_name_H-M   'C 1 2 1'
#
loop_
_entity.id
_entity.type
_entity.pdbx_description
1 polymer '4-hydroxyphenylpyruvate dioxygenase'
2 non-polymer 'COBALT (II) ION'
3 non-polymer 3-(4-fluorophenyl)-1,6-dimethyl-7-(2-oxidanyl-6-oxidanylidene-cyclohexen-1-yl)carbonyl-quinazoline-2,4-dione
4 water water
#
_entity_poly.entity_id   1
_entity_poly.type   'polypeptide(L)'
_entity_poly.pdbx_seq_one_letter_code
;GSHMVRKNPKSDKFKVKRFHHIEFWCGDATNVARRFSWGLGMRFSAKSDLSTGNMVHASYLLTSGDLRFLFTAPYSPSLS
AGEIKPTTTASIPSFDHGSCRSFFSSHGLGVRAVAIEVEDAESAFSISVANGAIPSSPPIVLNEAVTIAEVKLYGDVVLR
YVSYKAEDTEKSEFLPGFERVEDASSFPLDYGIRRLDHAVGNVPELGPALTYVAGFTGFHQFAEFTADDVGTAESGLNSA
VLASNDEMVLLPINEPVHGTKRKSQIQTYLEHNEGAGLQHLALMSEDIFRTLREMRKRSSIGGFDFMPSPPPTYYQNLKK
RVGDVLSDDQIKECEELGILVDRDDQGTLLQIFTKPLGDRPTIFIEIIQRVGCMMKDEEGKAYQSGGCGGFGKGNFSELF
KSIEEYEKTLEAKQLVG
;
_entity_poly.pdbx_strand_id   A
#
loop_
_chem_comp.id
_chem_comp.type
_chem_comp.name
_chem_comp.formula
CO non-polymer 'COBALT (II) ION' 'Co 2'
YD2 non-polymer 3-(4-fluorophenyl)-1,6-dimethyl-7-(2-oxidanyl-6-oxidanylidene-cyclohexen-1-yl)carbonyl-quinazoline-2,4-dione 'C23 H19 F N2 O5'
#
# COMPACT_ATOMS: atom_id res chain seq x y z
N LYS A 7 -9.28 -20.91 9.68
CA LYS A 7 -10.69 -20.66 9.89
C LYS A 7 -11.10 -19.31 9.32
N ASN A 8 -12.15 -19.30 8.50
CA ASN A 8 -12.64 -18.08 7.86
C ASN A 8 -14.13 -17.96 8.11
N PRO A 9 -14.54 -17.17 9.09
CA PRO A 9 -15.98 -17.04 9.42
C PRO A 9 -16.75 -16.14 8.45
N LYS A 10 -16.08 -15.45 7.54
CA LYS A 10 -16.70 -14.59 6.52
C LYS A 10 -17.74 -13.64 7.14
N SER A 11 -17.24 -12.76 8.00
CA SER A 11 -18.09 -11.91 8.82
C SER A 11 -18.15 -10.46 8.34
N ASP A 12 -17.69 -10.17 7.12
CA ASP A 12 -17.72 -8.81 6.57
C ASP A 12 -19.10 -8.21 6.73
N LYS A 13 -19.17 -7.00 7.29
CA LYS A 13 -20.48 -6.40 7.57
C LYS A 13 -21.06 -5.72 6.34
N PHE A 14 -20.31 -5.67 5.24
CA PHE A 14 -20.81 -5.13 3.99
C PHE A 14 -20.01 -5.78 2.88
N LYS A 15 -20.49 -5.65 1.64
CA LYS A 15 -19.86 -6.34 0.53
C LYS A 15 -18.65 -5.55 0.04
N VAL A 16 -17.45 -6.14 0.18
CA VAL A 16 -16.18 -5.57 -0.26
C VAL A 16 -15.71 -6.32 -1.49
N LYS A 17 -15.14 -5.61 -2.46
CA LYS A 17 -14.60 -6.25 -3.65
C LYS A 17 -13.08 -6.35 -3.59
N ARG A 18 -12.37 -5.39 -4.17
CA ARG A 18 -10.91 -5.40 -4.16
C ARG A 18 -10.37 -4.06 -3.70
N PHE A 19 -9.06 -4.02 -3.51
CA PHE A 19 -8.37 -2.73 -3.42
C PHE A 19 -8.64 -1.94 -4.70
N HIS A 20 -8.95 -0.66 -4.54
CA HIS A 20 -9.24 0.22 -5.66
C HIS A 20 -8.10 1.18 -5.98
N HIS A 21 -7.65 1.95 -4.99
CA HIS A 21 -6.48 2.79 -5.20
C HIS A 21 -5.88 3.18 -3.85
N ILE A 22 -4.65 3.70 -3.94
CA ILE A 22 -3.92 4.27 -2.81
C ILE A 22 -3.66 5.73 -3.15
N GLU A 23 -4.01 6.64 -2.23
CA GLU A 23 -3.76 8.06 -2.44
C GLU A 23 -2.64 8.58 -1.54
N PHE A 24 -1.64 9.18 -2.16
CA PHE A 24 -0.56 9.87 -1.47
C PHE A 24 -0.90 11.35 -1.38
N TRP A 25 -0.67 11.94 -0.20
CA TRP A 25 -0.74 13.38 -0.05
C TRP A 25 0.68 13.92 -0.07
N CYS A 26 0.91 14.89 -0.94
CA CYS A 26 2.24 15.36 -1.31
C CYS A 26 2.25 16.87 -1.15
N GLY A 27 3.44 17.45 -1.26
CA GLY A 27 3.43 18.89 -1.37
C GLY A 27 3.46 19.34 -2.82
N ASP A 28 4.09 18.51 -3.65
CA ASP A 28 4.10 18.70 -5.09
C ASP A 28 3.77 17.36 -5.76
N ALA A 29 2.56 17.24 -6.28
CA ALA A 29 2.19 15.94 -6.84
C ALA A 29 2.93 15.63 -8.14
N THR A 30 3.33 16.65 -8.91
CA THR A 30 3.99 16.41 -10.18
C THR A 30 5.30 15.64 -9.99
N ASN A 31 6.14 16.10 -9.08
CA ASN A 31 7.48 15.53 -8.99
C ASN A 31 7.45 14.15 -8.36
N VAL A 32 6.60 13.94 -7.34
CA VAL A 32 6.49 12.60 -6.77
C VAL A 32 5.93 11.64 -7.81
N ALA A 33 4.87 12.04 -8.53
CA ALA A 33 4.30 11.10 -9.49
C ALA A 33 5.29 10.75 -10.60
N ARG A 34 6.09 11.72 -11.05
CA ARG A 34 7.02 11.40 -12.13
C ARG A 34 8.13 10.48 -11.64
N ARG A 35 8.63 10.70 -10.41
CA ARG A 35 9.61 9.81 -9.81
C ARG A 35 9.05 8.40 -9.67
N PHE A 36 7.84 8.28 -9.11
CA PHE A 36 7.23 6.96 -8.95
C PHE A 36 7.00 6.28 -10.28
N SER A 37 6.58 7.04 -11.29
CA SER A 37 6.31 6.44 -12.60
C SER A 37 7.56 5.77 -13.17
N TRP A 38 8.68 6.48 -13.15
CA TRP A 38 9.93 5.94 -13.68
C TRP A 38 10.47 4.81 -12.80
N GLY A 39 10.36 4.97 -11.48
CA GLY A 39 10.94 4.00 -10.57
C GLY A 39 10.21 2.67 -10.54
N LEU A 40 8.88 2.69 -10.70
CA LEU A 40 8.04 1.51 -10.56
C LEU A 40 7.48 1.01 -11.89
N GLY A 41 7.63 1.78 -12.97
CA GLY A 41 7.11 1.39 -14.26
C GLY A 41 5.60 1.48 -14.30
N MET A 42 5.08 2.64 -13.95
CA MET A 42 3.64 2.89 -13.95
C MET A 42 3.34 3.98 -14.95
N ARG A 43 2.27 3.80 -15.70
CA ARG A 43 1.87 4.73 -16.73
C ARG A 43 1.04 5.86 -16.14
N PHE A 44 1.20 7.07 -16.68
CA PHE A 44 0.29 8.17 -16.34
C PHE A 44 -1.04 7.94 -17.05
N SER A 45 -2.14 7.82 -16.30
CA SER A 45 -3.40 7.44 -16.93
C SER A 45 -4.55 8.43 -16.76
N ALA A 46 -4.58 9.25 -15.69
CA ALA A 46 -5.63 10.23 -15.55
C ALA A 46 -5.11 11.41 -14.72
N LYS A 47 -5.76 12.56 -14.88
CA LYS A 47 -5.37 13.76 -14.15
C LYS A 47 -6.60 14.59 -13.80
N SER A 48 -6.49 15.35 -12.72
CA SER A 48 -7.45 16.37 -12.34
C SER A 48 -6.66 17.53 -11.75
N ASP A 49 -6.69 18.67 -12.42
CA ASP A 49 -5.81 19.78 -12.06
C ASP A 49 -6.34 21.04 -12.75
N LEU A 50 -5.56 22.12 -12.70
CA LEU A 50 -5.96 23.36 -13.35
C LEU A 50 -6.41 23.13 -14.78
N SER A 51 -5.71 22.25 -15.52
CA SER A 51 -6.06 22.03 -16.91
C SER A 51 -7.42 21.36 -17.07
N THR A 52 -7.92 20.68 -16.03
CA THR A 52 -9.25 20.10 -16.08
C THR A 52 -10.28 20.93 -15.30
N GLY A 53 -9.91 22.12 -14.85
CA GLY A 53 -10.82 22.98 -14.13
C GLY A 53 -10.80 22.84 -12.63
N ASN A 54 -9.94 22.00 -12.08
CA ASN A 54 -9.84 21.82 -10.63
C ASN A 54 -8.95 22.94 -10.08
N MET A 55 -9.56 23.90 -9.37
CA MET A 55 -8.83 25.03 -8.78
C MET A 55 -8.37 24.74 -7.36
N VAL A 56 -8.59 23.51 -6.89
CA VAL A 56 -8.43 23.16 -5.48
C VAL A 56 -7.19 22.30 -5.28
N HIS A 57 -7.10 21.18 -5.98
CA HIS A 57 -5.98 20.28 -5.81
C HIS A 57 -5.53 19.76 -7.16
N ALA A 58 -4.25 19.40 -7.23
CA ALA A 58 -3.66 18.71 -8.37
C ALA A 58 -3.56 17.22 -8.03
N SER A 59 -4.13 16.37 -8.89
CA SER A 59 -4.18 14.93 -8.63
C SER A 59 -3.80 14.16 -9.89
N TYR A 60 -2.80 13.29 -9.79
CA TYR A 60 -2.30 12.52 -10.93
C TYR A 60 -2.34 11.04 -10.59
N LEU A 61 -2.87 10.24 -11.51
CA LEU A 61 -3.06 8.82 -11.29
C LEU A 61 -2.05 8.04 -12.12
N LEU A 62 -1.36 7.12 -11.47
CA LEU A 62 -0.48 6.17 -12.14
C LEU A 62 -1.11 4.79 -12.07
N THR A 63 -0.94 3.98 -13.12
CA THR A 63 -1.53 2.65 -13.11
C THR A 63 -0.51 1.62 -13.60
N SER A 64 -0.59 0.43 -13.02
CA SER A 64 0.16 -0.71 -13.57
C SER A 64 -0.66 -1.96 -13.28
N GLY A 65 -1.11 -2.63 -14.33
CA GLY A 65 -2.11 -3.68 -14.15
C GLY A 65 -3.34 -3.07 -13.46
N ASP A 66 -3.77 -3.68 -12.35
CA ASP A 66 -4.88 -3.13 -11.57
C ASP A 66 -4.42 -2.19 -10.46
N LEU A 67 -3.13 -1.95 -10.35
CA LEU A 67 -2.62 -1.07 -9.30
C LEU A 67 -2.87 0.38 -9.71
N ARG A 68 -3.44 1.16 -8.80
CA ARG A 68 -3.71 2.58 -9.04
C ARG A 68 -3.08 3.37 -7.90
N PHE A 69 -2.07 4.19 -8.23
CA PHE A 69 -1.47 5.14 -7.29
C PHE A 69 -1.91 6.55 -7.65
N LEU A 70 -2.54 7.25 -6.69
CA LEU A 70 -2.98 8.63 -6.86
C LEU A 70 -2.11 9.56 -6.01
N PHE A 71 -1.64 10.66 -6.62
CA PHE A 71 -0.76 11.64 -5.98
C PHE A 71 -1.49 12.98 -6.00
N THR A 72 -1.73 13.56 -4.82
CA THR A 72 -2.49 14.80 -4.70
C THR A 72 -1.75 15.82 -3.88
N ALA A 73 -1.80 17.08 -4.31
CA ALA A 73 -1.25 18.21 -3.58
C ALA A 73 -2.21 19.39 -3.69
N PRO A 74 -2.22 20.28 -2.69
CA PRO A 74 -3.11 21.44 -2.75
C PRO A 74 -2.52 22.56 -3.60
N TYR A 75 -3.40 23.33 -4.24
CA TYR A 75 -3.01 24.62 -4.80
C TYR A 75 -3.10 25.70 -3.72
N SER A 76 -2.77 26.93 -4.08
CA SER A 76 -3.02 28.04 -3.16
C SER A 76 -4.51 28.10 -2.86
N PRO A 77 -4.92 28.20 -1.58
CA PRO A 77 -6.36 28.38 -1.30
C PRO A 77 -6.96 29.58 -2.01
N SER A 78 -6.14 30.58 -2.36
CA SER A 78 -6.64 31.79 -3.00
C SER A 78 -7.32 31.48 -4.33
N LEU A 79 -6.93 30.40 -5.02
CA LEU A 79 -7.51 30.11 -6.32
C LEU A 79 -8.98 29.74 -6.22
N SER A 80 -9.42 29.22 -5.07
CA SER A 80 -10.78 28.74 -4.88
C SER A 80 -11.49 29.46 -3.74
N ALA A 81 -11.04 30.67 -3.41
CA ALA A 81 -11.57 31.37 -2.23
C ALA A 81 -13.05 31.70 -2.37
N GLY A 82 -13.54 31.84 -3.60
CA GLY A 82 -14.93 32.13 -3.80
C GLY A 82 -15.85 30.94 -3.71
N GLU A 83 -15.30 29.75 -3.76
CA GLU A 83 -16.09 28.53 -3.80
C GLU A 83 -16.62 28.16 -2.43
N ILE A 84 -17.71 27.40 -2.42
CA ILE A 84 -18.19 26.73 -1.23
C ILE A 84 -18.37 25.28 -1.63
N LYS A 85 -18.45 24.41 -0.62
CA LYS A 85 -18.55 22.98 -0.92
C LYS A 85 -19.57 22.67 -2.01
N PRO A 86 -20.79 23.24 -2.02
CA PRO A 86 -21.70 23.03 -3.16
C PRO A 86 -21.13 23.45 -4.50
N THR A 87 -20.27 24.48 -4.54
CA THR A 87 -19.75 25.01 -5.79
C THR A 87 -18.30 24.59 -6.06
N THR A 88 -17.82 23.57 -5.34
CA THR A 88 -16.39 23.26 -5.42
C THR A 88 -16.02 22.72 -6.79
N THR A 89 -14.79 23.02 -7.21
CA THR A 89 -14.21 22.43 -8.41
C THR A 89 -13.28 21.27 -8.07
N ALA A 90 -13.18 20.90 -6.79
CA ALA A 90 -12.40 19.73 -6.41
C ALA A 90 -13.07 18.48 -6.97
N SER A 91 -12.26 17.59 -7.52
CA SER A 91 -12.80 16.32 -8.00
C SER A 91 -12.87 15.29 -6.89
N ILE A 92 -12.14 15.49 -5.79
CA ILE A 92 -12.29 14.62 -4.64
C ILE A 92 -12.86 15.47 -3.51
N PRO A 93 -14.18 15.40 -3.29
CA PRO A 93 -14.83 16.33 -2.36
C PRO A 93 -14.38 16.19 -0.92
N SER A 94 -13.78 15.06 -0.53
CA SER A 94 -13.25 15.00 0.82
C SER A 94 -11.98 15.83 0.99
N PHE A 95 -11.38 16.33 -0.09
CA PHE A 95 -10.14 17.09 0.04
C PHE A 95 -10.34 18.38 0.84
N ASP A 96 -9.35 18.70 1.67
CA ASP A 96 -9.36 19.93 2.46
C ASP A 96 -7.95 20.50 2.48
N HIS A 97 -7.79 21.78 2.10
CA HIS A 97 -6.45 22.38 2.06
C HIS A 97 -5.75 22.21 3.41
N GLY A 98 -6.46 22.54 4.49
CA GLY A 98 -5.84 22.54 5.81
C GLY A 98 -5.46 21.16 6.27
N SER A 99 -6.34 20.17 6.06
CA SER A 99 -6.01 18.79 6.37
C SER A 99 -4.78 18.31 5.59
N CYS A 100 -4.71 18.66 4.31
CA CYS A 100 -3.60 18.17 3.50
C CYS A 100 -2.28 18.81 3.93
N ARG A 101 -2.28 20.13 4.10
CA ARG A 101 -1.05 20.79 4.57
C ARG A 101 -0.63 20.27 5.93
N SER A 102 -1.60 20.08 6.84
CA SER A 102 -1.29 19.56 8.16
C SER A 102 -0.73 18.15 8.09
N PHE A 103 -1.32 17.30 7.23
CA PHE A 103 -0.84 15.93 7.06
C PHE A 103 0.62 15.90 6.61
N PHE A 104 0.94 16.66 5.56
CA PHE A 104 2.27 16.55 4.97
C PHE A 104 3.32 17.21 5.86
N SER A 105 2.96 18.29 6.56
CA SER A 105 3.96 18.88 7.45
C SER A 105 4.16 18.02 8.70
N SER A 106 3.14 17.28 9.10
CA SER A 106 3.27 16.36 10.24
C SER A 106 4.00 15.08 9.85
N HIS A 107 3.61 14.44 8.75
CA HIS A 107 4.13 13.13 8.37
C HIS A 107 5.13 13.15 7.23
N GLY A 108 5.21 14.24 6.47
CA GLY A 108 5.92 14.15 5.22
C GLY A 108 5.12 13.30 4.25
N LEU A 109 5.81 12.88 3.18
CA LEU A 109 5.17 12.13 2.11
C LEU A 109 4.64 10.80 2.63
N GLY A 110 3.36 10.55 2.40
CA GLY A 110 2.81 9.30 2.87
C GLY A 110 1.42 9.04 2.31
N VAL A 111 0.88 7.89 2.66
CA VAL A 111 -0.43 7.48 2.18
C VAL A 111 -1.50 8.14 3.04
N ARG A 112 -2.40 8.88 2.39
CA ARG A 112 -3.58 9.41 3.07
C ARG A 112 -4.74 8.43 3.05
N ALA A 113 -4.98 7.74 1.93
CA ALA A 113 -6.19 6.93 1.79
C ALA A 113 -5.86 5.55 1.26
N VAL A 114 -6.37 4.53 1.94
CA VAL A 114 -6.44 3.18 1.41
C VAL A 114 -7.87 2.98 0.90
N ALA A 115 -8.04 2.89 -0.41
CA ALA A 115 -9.37 2.86 -0.99
C ALA A 115 -9.73 1.44 -1.45
N ILE A 116 -10.91 0.98 -1.03
CA ILE A 116 -11.44 -0.31 -1.44
C ILE A 116 -12.75 -0.10 -2.16
N GLU A 117 -12.98 -0.89 -3.21
CA GLU A 117 -14.25 -0.84 -3.91
C GLU A 117 -15.25 -1.70 -3.17
N VAL A 118 -16.45 -1.17 -2.98
CA VAL A 118 -17.51 -1.88 -2.27
C VAL A 118 -18.78 -1.86 -3.11
N GLU A 119 -19.76 -2.66 -2.70
CA GLU A 119 -21.01 -2.70 -3.46
C GLU A 119 -21.75 -1.38 -3.36
N ASP A 120 -21.78 -0.79 -2.16
CA ASP A 120 -22.56 0.42 -1.92
C ASP A 120 -21.82 1.22 -0.86
N ALA A 121 -21.19 2.32 -1.28
CA ALA A 121 -20.38 3.13 -0.37
C ALA A 121 -21.20 3.83 0.71
N GLU A 122 -22.46 4.20 0.41
CA GLU A 122 -23.28 4.81 1.45
C GLU A 122 -23.60 3.81 2.56
N SER A 123 -24.00 2.60 2.20
CA SER A 123 -24.27 1.58 3.22
C SER A 123 -23.00 1.22 3.97
N ALA A 124 -21.89 0.99 3.25
CA ALA A 124 -20.62 0.69 3.90
C ALA A 124 -20.27 1.74 4.94
N PHE A 125 -20.41 3.02 4.57
CA PHE A 125 -20.18 4.10 5.53
C PHE A 125 -21.15 3.99 6.71
N SER A 126 -22.44 3.82 6.43
CA SER A 126 -23.43 3.78 7.50
C SER A 126 -23.19 2.60 8.44
N ILE A 127 -23.07 1.39 7.87
CA ILE A 127 -22.82 0.22 8.70
C ILE A 127 -21.52 0.38 9.48
N SER A 128 -20.48 0.92 8.83
CA SER A 128 -19.21 1.11 9.52
C SER A 128 -19.38 2.00 10.73
N VAL A 129 -19.96 3.18 10.53
CA VAL A 129 -20.11 4.12 11.63
C VAL A 129 -21.02 3.54 12.71
N ALA A 130 -22.07 2.82 12.29
CA ALA A 130 -22.95 2.18 13.27
C ALA A 130 -22.19 1.16 14.10
N ASN A 131 -21.06 0.67 13.60
CA ASN A 131 -20.25 -0.31 14.29
C ASN A 131 -18.92 0.26 14.77
N GLY A 132 -18.87 1.57 15.07
CA GLY A 132 -17.76 2.17 15.78
C GLY A 132 -16.76 2.96 14.94
N ALA A 133 -16.87 2.93 13.61
CA ALA A 133 -15.92 3.68 12.80
C ALA A 133 -16.07 5.18 13.02
N ILE A 134 -14.96 5.91 13.03
CA ILE A 134 -14.97 7.35 13.19
C ILE A 134 -15.13 7.97 11.81
N PRO A 135 -16.24 8.67 11.55
CA PRO A 135 -16.45 9.23 10.21
C PRO A 135 -15.38 10.25 9.87
N SER A 136 -14.97 10.24 8.61
CA SER A 136 -14.03 11.24 8.12
C SER A 136 -14.66 12.11 7.05
N SER A 137 -15.37 11.51 6.10
CA SER A 137 -16.03 12.29 5.10
C SER A 137 -17.30 11.55 4.74
N PRO A 138 -18.47 12.19 4.84
CA PRO A 138 -19.72 11.49 4.60
C PRO A 138 -19.83 11.07 3.15
N PRO A 139 -20.72 10.12 2.83
CA PRO A 139 -20.84 9.68 1.44
C PRO A 139 -21.30 10.82 0.56
N ILE A 140 -20.72 10.91 -0.63
CA ILE A 140 -21.11 11.91 -1.61
C ILE A 140 -21.17 11.24 -2.98
N VAL A 141 -22.19 11.57 -3.76
CA VAL A 141 -22.40 10.99 -5.07
C VAL A 141 -21.80 11.93 -6.11
N LEU A 142 -20.95 11.37 -6.98
CA LEU A 142 -20.25 12.14 -8.00
C LEU A 142 -20.90 11.89 -9.36
N ASN A 143 -21.50 12.94 -9.91
CA ASN A 143 -22.18 12.90 -11.22
C ASN A 143 -23.08 11.67 -11.37
N GLU A 144 -23.84 11.37 -10.32
CA GLU A 144 -24.80 10.27 -10.30
C GLU A 144 -24.17 8.93 -10.65
N ALA A 145 -22.84 8.84 -10.63
CA ALA A 145 -22.15 7.66 -11.13
C ALA A 145 -21.35 6.95 -10.05
N VAL A 146 -20.66 7.68 -9.18
CA VAL A 146 -19.76 7.09 -8.21
C VAL A 146 -20.06 7.68 -6.86
N THR A 147 -20.01 6.84 -5.83
CA THR A 147 -20.19 7.28 -4.46
C THR A 147 -18.89 7.01 -3.70
N ILE A 148 -18.47 7.98 -2.90
CA ILE A 148 -17.24 7.87 -2.14
C ILE A 148 -17.50 8.32 -0.72
N ALA A 149 -16.88 7.64 0.24
CA ALA A 149 -17.05 7.92 1.66
C ALA A 149 -15.77 7.50 2.36
N GLU A 150 -15.49 8.14 3.51
CA GLU A 150 -14.25 7.90 4.24
C GLU A 150 -14.47 7.77 5.74
N VAL A 151 -13.79 6.81 6.36
CA VAL A 151 -13.73 6.65 7.81
C VAL A 151 -12.28 6.56 8.24
N LYS A 152 -12.03 6.86 9.50
CA LYS A 152 -10.65 6.79 10.00
C LYS A 152 -10.20 5.33 10.12
N LEU A 153 -8.96 5.07 9.71
CA LEU A 153 -8.38 3.74 9.80
C LEU A 153 -7.38 3.66 10.94
N TYR A 154 -6.30 4.44 10.88
CA TYR A 154 -5.34 4.59 11.96
C TYR A 154 -4.52 5.84 11.69
N GLY A 155 -4.11 6.51 12.77
CA GLY A 155 -3.44 7.79 12.63
C GLY A 155 -4.26 8.76 11.79
N ASP A 156 -3.63 9.35 10.78
CA ASP A 156 -4.31 10.22 9.83
C ASP A 156 -4.58 9.52 8.50
N VAL A 157 -4.60 8.20 8.50
CA VAL A 157 -4.94 7.41 7.32
C VAL A 157 -6.43 7.10 7.36
N VAL A 158 -7.10 7.18 6.21
CA VAL A 158 -8.52 6.86 6.13
C VAL A 158 -8.71 5.64 5.23
N LEU A 159 -9.74 4.87 5.56
CA LEU A 159 -10.23 3.83 4.66
C LEU A 159 -11.29 4.47 3.79
N ARG A 160 -11.07 4.46 2.47
CA ARG A 160 -11.98 5.12 1.54
C ARG A 160 -12.83 4.06 0.83
N TYR A 161 -14.15 4.19 0.94
CA TYR A 161 -15.07 3.32 0.22
C TYR A 161 -15.46 3.94 -1.12
N VAL A 162 -15.42 3.14 -2.17
CA VAL A 162 -15.81 3.60 -3.51
C VAL A 162 -16.79 2.59 -4.09
N SER A 163 -17.88 3.08 -4.70
CA SER A 163 -18.84 2.20 -5.34
C SER A 163 -19.33 2.85 -6.64
N TYR A 164 -19.60 2.00 -7.63
CA TYR A 164 -20.02 2.42 -8.96
C TYR A 164 -21.38 1.82 -9.26
N LYS A 165 -22.32 2.66 -9.74
CA LYS A 165 -23.59 2.11 -10.22
C LYS A 165 -23.35 1.17 -11.40
N ALA A 166 -22.64 1.64 -12.41
CA ALA A 166 -22.33 0.80 -13.57
C ALA A 166 -21.06 -0.01 -13.34
N PHE A 174 -11.63 6.75 -14.04
CA PHE A 174 -11.25 6.62 -12.63
C PHE A 174 -12.36 7.18 -11.74
N LEU A 175 -12.49 8.50 -11.74
CA LEU A 175 -13.51 9.24 -11.02
C LEU A 175 -14.03 10.31 -11.95
N PRO A 176 -15.26 10.78 -11.74
CA PRO A 176 -15.75 11.94 -12.48
C PRO A 176 -14.84 13.14 -12.30
N GLY A 177 -14.67 13.92 -13.37
CA GLY A 177 -13.83 15.08 -13.34
C GLY A 177 -12.36 14.80 -13.62
N PHE A 178 -11.97 13.53 -13.64
CA PHE A 178 -10.64 13.15 -14.08
C PHE A 178 -10.66 12.96 -15.59
N GLU A 179 -9.63 13.47 -16.26
CA GLU A 179 -9.48 13.23 -17.68
C GLU A 179 -8.35 12.25 -17.96
N ARG A 180 -8.48 11.54 -19.05
CA ARG A 180 -7.49 10.65 -19.56
C ARG A 180 -6.42 11.62 -20.09
N VAL A 181 -5.15 11.40 -19.78
CA VAL A 181 -4.06 12.30 -20.17
C VAL A 181 -3.70 11.95 -21.61
N GLU A 182 -2.93 12.81 -22.29
CA GLU A 182 -2.67 12.54 -23.70
C GLU A 182 -1.67 11.39 -23.82
N ASP A 183 -1.96 10.43 -24.70
CA ASP A 183 -1.07 9.28 -24.81
C ASP A 183 0.33 9.68 -25.25
N ALA A 184 0.49 10.86 -25.85
CA ALA A 184 1.84 11.41 -26.06
C ALA A 184 2.52 11.63 -24.71
N SER A 185 1.78 12.18 -23.74
CA SER A 185 2.29 12.32 -22.38
C SER A 185 2.35 10.98 -21.65
N SER A 186 1.67 9.95 -22.16
CA SER A 186 1.48 8.70 -21.43
C SER A 186 2.33 7.61 -22.09
N PHE A 187 3.56 7.47 -21.61
CA PHE A 187 4.49 6.46 -22.08
C PHE A 187 4.18 5.11 -21.43
N PRO A 188 4.08 4.00 -22.22
CA PRO A 188 3.55 2.74 -21.66
C PRO A 188 4.60 1.94 -20.88
N LEU A 189 5.13 2.55 -19.82
CA LEU A 189 6.04 1.83 -18.95
C LEU A 189 5.32 0.64 -18.30
N ASP A 190 6.06 -0.43 -18.08
CA ASP A 190 5.51 -1.60 -17.38
C ASP A 190 6.67 -2.48 -16.97
N TYR A 191 6.88 -2.65 -15.66
CA TYR A 191 7.93 -3.55 -15.21
C TYR A 191 7.38 -4.84 -14.62
N GLY A 192 6.09 -5.11 -14.82
CA GLY A 192 5.48 -6.33 -14.32
C GLY A 192 4.63 -6.22 -13.07
N ILE A 193 4.46 -5.03 -12.50
CA ILE A 193 3.59 -4.91 -11.34
C ILE A 193 2.13 -4.93 -11.77
N ARG A 194 1.29 -5.63 -10.99
CA ARG A 194 -0.07 -5.92 -11.45
C ARG A 194 -1.16 -5.55 -10.45
N ARG A 195 -0.93 -5.66 -9.15
CA ARG A 195 -1.99 -5.27 -8.21
C ARG A 195 -1.42 -5.05 -6.80
N LEU A 196 -2.24 -4.41 -5.96
CA LEU A 196 -1.89 -4.26 -4.54
C LEU A 196 -2.25 -5.52 -3.79
N ASP A 197 -1.27 -6.09 -3.08
CA ASP A 197 -1.51 -7.32 -2.34
C ASP A 197 -1.91 -7.06 -0.89
N HIS A 198 -1.14 -6.22 -0.18
CA HIS A 198 -1.52 -5.83 1.16
C HIS A 198 -0.99 -4.43 1.48
N ALA A 199 -1.64 -3.79 2.45
CA ALA A 199 -1.31 -2.45 2.92
C ALA A 199 -1.23 -2.48 4.45
N VAL A 200 -0.09 -2.06 4.99
CA VAL A 200 0.30 -2.36 6.36
C VAL A 200 0.38 -1.07 7.17
N GLY A 201 -0.23 -1.08 8.35
CA GLY A 201 -0.16 0.05 9.26
C GLY A 201 0.76 -0.20 10.44
N ASN A 202 1.37 0.87 10.94
CA ASN A 202 2.14 0.85 12.17
C ASN A 202 1.38 1.65 13.23
N VAL A 203 1.15 1.05 14.40
CA VAL A 203 0.47 1.75 15.49
C VAL A 203 1.28 1.57 16.77
N PRO A 204 1.04 2.42 17.77
CA PRO A 204 1.72 2.23 19.07
C PRO A 204 1.20 1.02 19.83
N GLU A 205 -0.07 0.65 19.67
CA GLU A 205 -0.67 -0.45 20.40
C GLU A 205 -1.59 -1.25 19.48
N LEU A 206 -1.24 -2.52 19.28
CA LEU A 206 -1.91 -3.33 18.25
C LEU A 206 -3.32 -3.73 18.68
N GLY A 207 -3.53 -4.03 19.97
CA GLY A 207 -4.80 -4.51 20.44
C GLY A 207 -5.95 -3.58 20.14
N PRO A 208 -5.88 -2.34 20.63
CA PRO A 208 -6.95 -1.37 20.34
C PRO A 208 -7.12 -1.09 18.85
N ALA A 209 -6.03 -1.09 18.09
CA ALA A 209 -6.14 -0.86 16.65
C ALA A 209 -6.88 -2.02 15.97
N LEU A 210 -6.55 -3.25 16.32
CA LEU A 210 -7.27 -4.41 15.77
C LEU A 210 -8.75 -4.39 16.14
N THR A 211 -9.04 -4.21 17.43
CA THR A 211 -10.43 -4.24 17.88
C THR A 211 -11.26 -3.20 17.15
N TYR A 212 -10.69 -2.01 16.93
CA TYR A 212 -11.38 -0.94 16.24
C TYR A 212 -11.68 -1.31 14.79
N VAL A 213 -10.65 -1.69 14.01
CA VAL A 213 -10.86 -1.93 12.59
C VAL A 213 -11.71 -3.17 12.36
N ALA A 214 -11.37 -4.29 13.02
CA ALA A 214 -12.22 -5.47 12.86
C ALA A 214 -13.62 -5.21 13.37
N GLY A 215 -13.76 -4.31 14.34
CA GLY A 215 -15.07 -3.99 14.89
C GLY A 215 -16.02 -3.40 13.86
N PHE A 216 -15.55 -2.47 13.03
CA PHE A 216 -16.44 -1.82 12.08
C PHE A 216 -16.46 -2.45 10.69
N THR A 217 -15.46 -3.25 10.32
CA THR A 217 -15.51 -3.93 9.03
C THR A 217 -16.06 -5.35 9.11
N GLY A 218 -15.87 -6.04 10.23
CA GLY A 218 -16.10 -7.47 10.24
C GLY A 218 -15.01 -8.27 9.58
N PHE A 219 -13.88 -7.65 9.27
CA PHE A 219 -12.73 -8.41 8.77
C PHE A 219 -12.24 -9.35 9.85
N HIS A 220 -11.75 -10.51 9.43
CA HIS A 220 -11.35 -11.56 10.34
C HIS A 220 -9.83 -11.69 10.34
N GLN A 221 -9.30 -12.22 11.44
CA GLN A 221 -7.86 -12.42 11.55
C GLN A 221 -7.41 -13.52 10.60
N PHE A 222 -6.51 -13.17 9.68
CA PHE A 222 -6.03 -14.09 8.67
C PHE A 222 -4.96 -15.01 9.27
N ALA A 223 -5.09 -16.30 8.97
CA ALA A 223 -4.18 -17.34 9.45
C ALA A 223 -2.71 -16.98 9.22
N GLU A 224 -1.99 -16.74 10.31
CA GLU A 224 -0.56 -16.47 10.25
C GLU A 224 0.19 -17.65 9.63
N GLU A 234 14.10 -12.88 17.37
CA GLU A 234 13.61 -11.77 18.19
C GLU A 234 13.34 -10.53 17.34
N SER A 235 12.29 -10.58 16.52
CA SER A 235 11.95 -9.46 15.66
C SER A 235 11.29 -8.35 16.47
N GLY A 236 11.53 -7.10 16.07
CA GLY A 236 11.09 -5.96 16.84
C GLY A 236 9.62 -5.57 16.75
N LEU A 237 8.74 -6.52 16.48
CA LEU A 237 7.33 -6.20 16.29
C LEU A 237 6.44 -7.38 16.62
N ASN A 238 5.19 -7.07 16.94
CA ASN A 238 4.08 -8.00 16.89
C ASN A 238 3.08 -7.48 15.86
N SER A 239 2.40 -8.39 15.19
CA SER A 239 1.48 -7.97 14.15
C SER A 239 0.34 -8.97 14.00
N ALA A 240 -0.67 -8.56 13.24
CA ALA A 240 -1.84 -9.36 12.96
C ALA A 240 -2.45 -8.82 11.69
N VAL A 241 -3.15 -9.68 10.97
CA VAL A 241 -3.62 -9.40 9.62
C VAL A 241 -5.14 -9.53 9.59
N LEU A 242 -5.81 -8.45 9.21
CA LEU A 242 -7.25 -8.46 9.00
C LEU A 242 -7.53 -8.67 7.53
N ALA A 243 -8.57 -9.47 7.24
CA ALA A 243 -8.88 -9.83 5.86
C ALA A 243 -10.38 -9.83 5.61
N SER A 244 -10.75 -9.45 4.39
CA SER A 244 -12.12 -9.52 3.93
C SER A 244 -12.53 -10.99 3.70
N ASN A 245 -13.77 -11.16 3.26
CA ASN A 245 -14.38 -12.50 3.16
C ASN A 245 -13.56 -13.44 2.28
N ASP A 246 -13.14 -12.98 1.10
CA ASP A 246 -12.31 -13.84 0.27
C ASP A 246 -10.82 -13.60 0.46
N GLU A 247 -10.43 -12.79 1.44
CA GLU A 247 -9.04 -12.62 1.83
C GLU A 247 -8.21 -11.97 0.71
N MET A 248 -8.86 -11.19 -0.15
CA MET A 248 -8.17 -10.41 -1.17
C MET A 248 -7.86 -8.99 -0.70
N VAL A 249 -8.63 -8.45 0.23
CA VAL A 249 -8.29 -7.21 0.91
C VAL A 249 -7.62 -7.60 2.22
N LEU A 250 -6.32 -7.32 2.31
CA LEU A 250 -5.49 -7.73 3.44
C LEU A 250 -4.89 -6.48 4.06
N LEU A 251 -5.10 -6.33 5.37
CA LEU A 251 -4.72 -5.14 6.12
C LEU A 251 -3.98 -5.56 7.37
N PRO A 252 -2.69 -5.87 7.28
CA PRO A 252 -1.89 -6.12 8.49
C PRO A 252 -1.64 -4.85 9.29
N ILE A 253 -1.40 -5.02 10.60
CA ILE A 253 -1.07 -3.93 11.51
C ILE A 253 0.08 -4.39 12.42
N ASN A 254 1.07 -3.51 12.62
CA ASN A 254 2.23 -3.77 13.48
C ASN A 254 2.24 -2.86 14.70
N GLU A 255 2.85 -3.35 15.78
CA GLU A 255 3.18 -2.56 16.95
C GLU A 255 4.61 -2.90 17.34
N PRO A 256 5.30 -1.99 18.03
CA PRO A 256 6.69 -2.24 18.42
C PRO A 256 6.76 -3.23 19.58
N VAL A 257 7.90 -3.91 19.70
CA VAL A 257 8.25 -4.58 20.95
C VAL A 257 9.49 -3.89 21.49
N HIS A 258 9.42 -3.48 22.75
CA HIS A 258 10.38 -2.57 23.34
C HIS A 258 11.44 -3.32 24.13
N GLY A 259 12.65 -2.73 24.19
CA GLY A 259 13.73 -3.24 25.01
C GLY A 259 14.39 -4.48 24.44
N THR A 260 14.79 -4.41 23.16
CA THR A 260 15.30 -5.58 22.44
C THR A 260 16.75 -5.40 21.98
N LYS A 261 17.48 -4.46 22.58
CA LYS A 261 18.85 -4.15 22.19
C LYS A 261 18.91 -3.52 20.80
N ARG A 262 18.34 -4.18 19.80
CA ARG A 262 18.17 -3.58 18.47
C ARG A 262 16.83 -2.86 18.41
N LYS A 263 16.88 -1.54 18.18
CA LYS A 263 15.69 -0.72 18.29
C LYS A 263 14.63 -1.11 17.27
N SER A 264 13.39 -1.19 17.73
CA SER A 264 12.29 -1.64 16.87
C SER A 264 12.12 -0.68 15.69
N GLN A 265 12.08 -1.26 14.49
CA GLN A 265 11.77 -0.48 13.29
C GLN A 265 10.40 0.18 13.40
N ILE A 266 9.47 -0.46 14.10
CA ILE A 266 8.15 0.13 14.28
C ILE A 266 8.24 1.38 15.12
N GLN A 267 9.09 1.37 16.15
CA GLN A 267 9.25 2.53 17.01
C GLN A 267 9.95 3.66 16.25
N THR A 268 10.98 3.33 15.47
CA THR A 268 11.61 4.34 14.64
C THR A 268 10.61 4.99 13.70
N TYR A 269 9.74 4.18 13.08
CA TYR A 269 8.68 4.73 12.26
C TYR A 269 7.82 5.73 13.05
N LEU A 270 7.32 5.31 14.21
CA LEU A 270 6.40 6.16 14.96
C LEU A 270 7.04 7.49 15.32
N GLU A 271 8.34 7.48 15.59
CA GLU A 271 9.02 8.72 15.99
C GLU A 271 9.19 9.67 14.80
N HIS A 272 9.60 9.14 13.66
CA HIS A 272 9.84 9.97 12.49
C HIS A 272 8.55 10.34 11.76
N ASN A 273 7.52 9.53 11.87
CA ASN A 273 6.24 9.82 11.22
C ASN A 273 5.33 10.69 12.07
N GLU A 274 5.74 11.02 13.29
CA GLU A 274 4.86 11.65 14.28
C GLU A 274 3.59 10.83 14.47
N GLY A 275 3.76 9.54 14.76
CA GLY A 275 2.65 8.68 15.16
C GLY A 275 2.29 7.65 14.12
N ALA A 276 1.12 7.04 14.34
CA ALA A 276 0.66 5.93 13.52
C ALA A 276 0.48 6.36 12.07
N GLY A 277 0.56 5.36 11.18
CA GLY A 277 0.43 5.60 9.76
C GLY A 277 0.71 4.33 8.98
N LEU A 278 0.63 4.47 7.66
CA LEU A 278 0.87 3.33 6.78
C LEU A 278 2.37 3.09 6.67
N GLN A 279 2.79 1.85 6.94
CA GLN A 279 4.20 1.46 6.90
C GLN A 279 4.66 1.02 5.50
N HIS A 280 3.98 0.04 4.89
CA HIS A 280 4.41 -0.36 3.56
C HIS A 280 3.23 -0.83 2.73
N LEU A 281 3.43 -0.73 1.42
CA LEU A 281 2.53 -1.25 0.40
C LEU A 281 3.24 -2.43 -0.26
N ALA A 282 2.57 -3.57 -0.38
CA ALA A 282 3.13 -4.73 -1.06
C ALA A 282 2.44 -4.87 -2.41
N LEU A 283 3.24 -4.78 -3.48
CA LEU A 283 2.74 -4.80 -4.84
C LEU A 283 3.08 -6.14 -5.47
N MET A 284 2.07 -6.81 -6.00
CA MET A 284 2.26 -8.12 -6.61
C MET A 284 2.76 -7.96 -8.03
N SER A 285 3.79 -8.70 -8.38
CA SER A 285 4.33 -8.72 -9.73
C SER A 285 4.01 -10.07 -10.38
N GLU A 286 3.68 -10.03 -11.67
CA GLU A 286 3.50 -11.26 -12.45
C GLU A 286 4.83 -11.91 -12.82
N ASP A 287 5.96 -11.29 -12.47
CA ASP A 287 7.29 -11.84 -12.72
C ASP A 287 8.30 -11.05 -11.91
N ILE A 288 8.52 -11.46 -10.66
CA ILE A 288 9.33 -10.64 -9.76
C ILE A 288 10.75 -10.48 -10.27
N PHE A 289 11.24 -11.43 -11.06
CA PHE A 289 12.62 -11.31 -11.54
C PHE A 289 12.73 -10.17 -12.54
N ARG A 290 11.79 -10.06 -13.48
CA ARG A 290 11.83 -8.94 -14.42
C ARG A 290 11.57 -7.61 -13.71
N THR A 291 10.64 -7.58 -12.74
CA THR A 291 10.38 -6.34 -12.02
C THR A 291 11.63 -5.85 -11.32
N LEU A 292 12.32 -6.74 -10.62
CA LEU A 292 13.47 -6.30 -9.87
C LEU A 292 14.68 -6.00 -10.75
N ARG A 293 14.87 -6.72 -11.85
CA ARG A 293 15.89 -6.28 -12.81
C ARG A 293 15.60 -4.86 -13.28
N GLU A 294 14.35 -4.58 -13.65
CA GLU A 294 14.02 -3.28 -14.21
C GLU A 294 14.11 -2.17 -13.18
N MET A 295 13.66 -2.42 -11.94
CA MET A 295 13.73 -1.39 -10.91
C MET A 295 15.18 -1.15 -10.48
N ARG A 296 15.98 -2.21 -10.42
CA ARG A 296 17.36 -2.04 -9.97
C ARG A 296 18.20 -1.32 -11.01
N LYS A 297 17.88 -1.50 -12.30
CA LYS A 297 18.54 -0.71 -13.34
C LYS A 297 18.33 0.78 -13.14
N ARG A 298 17.25 1.17 -12.47
CA ARG A 298 16.89 2.58 -12.37
C ARG A 298 17.14 3.17 -11.00
N SER A 299 17.63 2.37 -10.03
CA SER A 299 17.83 2.85 -8.67
C SER A 299 18.64 4.13 -8.60
N SER A 300 19.71 4.22 -9.39
CA SER A 300 20.63 5.34 -9.34
C SER A 300 20.32 6.43 -10.35
N ILE A 301 19.29 6.25 -11.17
CA ILE A 301 18.92 7.27 -12.14
C ILE A 301 17.46 7.67 -11.95
N GLY A 302 17.06 7.90 -10.70
CA GLY A 302 15.77 8.49 -10.34
C GLY A 302 14.78 7.51 -9.76
N GLY A 303 15.08 6.22 -9.80
CA GLY A 303 14.13 5.24 -9.27
C GLY A 303 14.25 5.01 -7.78
N PHE A 304 14.09 3.76 -7.36
CA PHE A 304 14.06 3.38 -5.95
C PHE A 304 15.25 2.51 -5.60
N ASP A 305 15.77 2.70 -4.39
CA ASP A 305 16.81 1.86 -3.83
C ASP A 305 16.19 0.69 -3.09
N PHE A 306 16.94 -0.41 -2.99
CA PHE A 306 16.48 -1.58 -2.28
C PHE A 306 17.30 -1.78 -1.02
N MET A 307 16.69 -2.43 -0.06
CA MET A 307 17.33 -2.91 1.15
C MET A 307 18.69 -3.57 0.89
N PRO A 308 19.59 -3.66 1.87
CA PRO A 308 20.83 -4.42 1.64
C PRO A 308 20.55 -5.89 1.36
N SER A 309 21.34 -6.48 0.45
CA SER A 309 21.16 -7.88 0.13
C SER A 309 21.54 -8.75 1.32
N PRO A 310 20.89 -9.91 1.48
CA PRO A 310 21.31 -10.84 2.54
C PRO A 310 22.62 -11.50 2.17
N PRO A 311 23.32 -12.08 3.14
CA PRO A 311 24.60 -12.77 2.83
C PRO A 311 24.35 -14.00 1.97
N PRO A 312 25.35 -14.44 1.20
CA PRO A 312 25.15 -15.60 0.32
C PRO A 312 24.83 -16.88 1.08
N THR A 313 25.10 -16.85 2.35
CA THR A 313 24.73 -17.95 3.19
C THR A 313 23.23 -18.13 3.06
N TYR A 314 22.46 -17.04 3.15
CA TYR A 314 21.00 -17.17 3.04
C TYR A 314 20.62 -17.93 1.79
N TYR A 315 21.28 -17.65 0.68
CA TYR A 315 21.01 -18.40 -0.55
C TYR A 315 21.64 -19.78 -0.52
N GLN A 316 22.69 -19.97 0.29
CA GLN A 316 23.27 -21.30 0.46
C GLN A 316 22.36 -22.21 1.28
N ASN A 317 21.44 -21.64 2.07
CA ASN A 317 20.44 -22.43 2.79
C ASN A 317 19.10 -22.48 2.07
N LEU A 318 18.96 -21.80 0.93
CA LEU A 318 17.68 -21.75 0.25
C LEU A 318 17.35 -23.07 -0.43
N LYS A 319 18.37 -23.79 -0.91
CA LYS A 319 18.11 -25.06 -1.58
C LYS A 319 17.42 -26.04 -0.63
N LYS A 320 17.88 -26.09 0.63
CA LYS A 320 17.32 -26.98 1.64
C LYS A 320 15.93 -26.58 2.11
N ARG A 321 15.31 -25.56 1.54
CA ARG A 321 14.00 -25.14 1.99
C ARG A 321 12.99 -24.98 0.87
N VAL A 322 13.41 -24.49 -0.30
CA VAL A 322 12.48 -24.26 -1.39
C VAL A 322 12.99 -24.90 -2.67
N GLY A 323 14.04 -25.72 -2.55
CA GLY A 323 14.65 -26.40 -3.68
C GLY A 323 13.72 -27.23 -4.54
N ASP A 324 12.53 -27.55 -4.03
CA ASP A 324 11.51 -28.25 -4.80
C ASP A 324 10.59 -27.29 -5.54
N VAL A 325 10.65 -26.00 -5.25
CA VAL A 325 9.79 -25.00 -5.87
C VAL A 325 10.54 -24.19 -6.91
N LEU A 326 11.80 -23.87 -6.66
CA LEU A 326 12.61 -23.06 -7.55
C LEU A 326 13.82 -23.86 -8.01
N SER A 327 14.14 -23.76 -9.29
CA SER A 327 15.33 -24.40 -9.81
C SER A 327 16.58 -23.72 -9.26
N ASP A 328 17.70 -24.42 -9.37
CA ASP A 328 18.95 -23.83 -8.91
C ASP A 328 19.39 -22.65 -9.76
N ASP A 329 18.89 -22.56 -11.00
CA ASP A 329 19.07 -21.33 -11.78
C ASP A 329 18.26 -20.19 -11.18
N GLN A 330 17.01 -20.45 -10.83
CA GLN A 330 16.16 -19.40 -10.27
C GLN A 330 16.62 -19.00 -8.87
N ILE A 331 17.23 -19.93 -8.13
CA ILE A 331 17.70 -19.59 -6.78
C ILE A 331 18.90 -18.66 -6.85
N LYS A 332 19.82 -18.89 -7.79
CA LYS A 332 20.93 -17.96 -7.95
C LYS A 332 20.47 -16.65 -8.58
N GLU A 333 19.42 -16.69 -9.39
CA GLU A 333 18.78 -15.46 -9.87
C GLU A 333 18.16 -14.67 -8.71
N CYS A 334 17.66 -15.35 -7.68
CA CYS A 334 17.27 -14.65 -6.45
C CYS A 334 18.47 -13.99 -5.80
N GLU A 335 19.62 -14.66 -5.83
CA GLU A 335 20.80 -14.16 -5.13
C GLU A 335 21.31 -12.89 -5.77
N GLU A 336 21.31 -12.83 -7.12
CA GLU A 336 21.74 -11.62 -7.81
C GLU A 336 20.88 -10.43 -7.38
N LEU A 337 19.57 -10.64 -7.32
CA LEU A 337 18.60 -9.57 -7.13
C LEU A 337 18.31 -9.25 -5.66
N GLY A 338 18.74 -10.10 -4.73
CA GLY A 338 18.46 -9.89 -3.33
C GLY A 338 17.09 -10.33 -2.88
N ILE A 339 16.41 -11.15 -3.69
CA ILE A 339 15.08 -11.62 -3.35
C ILE A 339 15.13 -12.51 -2.12
N LEU A 340 14.13 -12.38 -1.25
CA LEU A 340 13.91 -13.28 -0.14
C LEU A 340 12.84 -14.30 -0.52
N VAL A 341 12.94 -15.48 0.08
CA VAL A 341 11.97 -16.55 -0.16
C VAL A 341 11.55 -17.08 1.21
N ASP A 342 10.24 -17.24 1.39
CA ASP A 342 9.67 -17.87 2.57
C ASP A 342 8.54 -18.77 2.11
N ARG A 343 8.07 -19.63 3.02
CA ARG A 343 7.11 -20.66 2.66
C ARG A 343 6.16 -20.95 3.81
N ASP A 344 4.85 -20.91 3.53
CA ASP A 344 3.84 -21.35 4.48
C ASP A 344 3.61 -22.84 4.30
N ASP A 345 2.40 -23.32 4.61
CA ASP A 345 2.03 -24.69 4.32
C ASP A 345 1.27 -24.84 3.01
N GLN A 346 0.73 -23.74 2.46
CA GLN A 346 -0.02 -23.79 1.22
C GLN A 346 0.80 -23.36 0.00
N GLY A 347 1.72 -22.40 0.18
CA GLY A 347 2.47 -21.85 -0.94
C GLY A 347 3.80 -21.23 -0.56
N THR A 348 4.47 -20.64 -1.55
CA THR A 348 5.78 -20.02 -1.36
C THR A 348 5.68 -18.53 -1.69
N LEU A 349 6.48 -17.73 -1.00
CA LEU A 349 6.45 -16.28 -1.15
C LEU A 349 7.83 -15.76 -1.53
N LEU A 350 7.90 -15.05 -2.66
CA LEU A 350 9.08 -14.29 -3.04
C LEU A 350 8.86 -12.81 -2.73
N GLN A 351 9.81 -12.19 -2.03
CA GLN A 351 9.60 -10.80 -1.58
C GLN A 351 10.92 -10.03 -1.50
N ILE A 352 10.81 -8.70 -1.61
CA ILE A 352 11.94 -7.80 -1.40
C ILE A 352 11.36 -6.45 -0.99
N PHE A 353 12.17 -5.66 -0.28
CA PHE A 353 11.75 -4.37 0.24
C PHE A 353 12.60 -3.24 -0.35
N THR A 354 11.95 -2.13 -0.68
CA THR A 354 12.69 -0.92 -1.02
C THR A 354 13.21 -0.23 0.23
N LYS A 355 14.20 0.63 0.03
CA LYS A 355 14.52 1.67 1.01
C LYS A 355 13.31 2.61 1.12
N PRO A 356 13.24 3.44 2.18
CA PRO A 356 12.08 4.34 2.32
C PRO A 356 11.88 5.20 1.08
N LEU A 357 10.61 5.51 0.80
CA LEU A 357 10.28 6.16 -0.47
C LEU A 357 10.62 7.65 -0.47
N GLY A 358 10.77 8.25 0.70
CA GLY A 358 11.02 9.68 0.79
C GLY A 358 12.14 10.03 1.76
N ASP A 359 12.16 11.28 2.25
CA ASP A 359 13.22 11.72 3.17
C ASP A 359 13.19 10.96 4.49
N ARG A 360 12.05 10.62 4.98
CA ARG A 360 11.96 10.06 6.31
C ARG A 360 11.99 8.54 6.27
N PRO A 361 12.55 7.85 7.41
CA PRO A 361 12.55 6.37 7.44
C PRO A 361 11.19 5.84 7.87
N THR A 362 10.21 6.02 6.99
CA THR A 362 8.82 5.70 7.31
C THR A 362 8.28 4.75 6.25
N ILE A 363 7.57 5.28 5.26
CA ILE A 363 6.91 4.42 4.28
C ILE A 363 7.95 3.78 3.35
N PHE A 364 7.74 2.51 3.02
CA PHE A 364 8.51 1.84 1.97
C PHE A 364 7.58 0.93 1.17
N ILE A 365 8.16 0.26 0.18
CA ILE A 365 7.40 -0.61 -0.70
C ILE A 365 8.02 -2.01 -0.65
N GLU A 366 7.16 -3.00 -0.77
CA GLU A 366 7.56 -4.41 -0.87
C GLU A 366 7.09 -4.93 -2.22
N ILE A 367 7.98 -5.63 -2.93
CA ILE A 367 7.60 -6.30 -4.17
C ILE A 367 7.47 -7.78 -3.84
N ILE A 368 6.41 -8.43 -4.36
CA ILE A 368 6.16 -9.82 -4.01
C ILE A 368 5.67 -10.60 -5.22
N GLN A 369 5.90 -11.91 -5.15
CA GLN A 369 5.18 -12.83 -6.02
C GLN A 369 4.88 -14.08 -5.22
N ARG A 370 3.68 -14.60 -5.40
CA ARG A 370 3.17 -15.75 -4.67
C ARG A 370 3.02 -16.94 -5.61
N VAL A 371 3.44 -18.12 -5.16
CA VAL A 371 3.32 -19.33 -5.97
C VAL A 371 2.65 -20.41 -5.13
N GLY A 372 1.49 -20.91 -5.60
CA GLY A 372 0.72 -21.94 -4.96
C GLY A 372 -0.74 -21.53 -4.79
N CYS A 373 -1.46 -22.32 -3.99
CA CYS A 373 -2.86 -22.05 -3.63
C CYS A 373 -3.72 -21.67 -4.83
N MET A 374 -3.74 -22.55 -5.82
CA MET A 374 -4.59 -22.38 -6.98
C MET A 374 -5.86 -23.22 -6.83
N MET A 375 -6.98 -22.65 -7.22
CA MET A 375 -8.26 -23.33 -7.14
C MET A 375 -8.93 -23.22 -8.51
N TYR A 383 -7.72 -19.52 -10.17
CA TYR A 383 -7.37 -18.34 -9.40
C TYR A 383 -6.44 -18.71 -8.24
N GLN A 384 -5.78 -17.71 -7.68
CA GLN A 384 -4.92 -17.87 -6.51
C GLN A 384 -5.61 -17.28 -5.29
N SER A 385 -5.71 -18.06 -4.22
CA SER A 385 -6.31 -17.57 -2.99
C SER A 385 -5.39 -16.56 -2.30
N GLY A 386 -6.00 -15.64 -1.57
CA GLY A 386 -5.24 -14.57 -0.98
C GLY A 386 -4.26 -15.03 0.10
N GLY A 387 -3.15 -14.31 0.21
CA GLY A 387 -2.22 -14.57 1.28
C GLY A 387 -1.39 -15.81 1.12
N CYS A 388 -1.49 -16.47 -0.03
CA CYS A 388 -0.72 -17.68 -0.34
C CYS A 388 0.76 -17.52 -0.02
N GLY A 389 1.24 -18.20 1.01
CA GLY A 389 2.62 -18.08 1.42
C GLY A 389 2.84 -17.18 2.61
N GLY A 390 1.80 -16.47 3.02
CA GLY A 390 1.90 -15.61 4.19
C GLY A 390 2.56 -14.29 3.87
N PHE A 391 3.37 -13.79 4.80
CA PHE A 391 3.93 -12.45 4.66
C PHE A 391 5.44 -12.42 4.92
N GLY A 392 6.08 -13.59 4.94
CA GLY A 392 7.51 -13.63 5.12
C GLY A 392 7.92 -13.82 6.56
N LYS A 393 7.01 -14.31 7.38
CA LYS A 393 7.24 -14.51 8.81
C LYS A 393 8.59 -15.17 9.09
N GLY A 394 8.87 -16.30 8.45
CA GLY A 394 10.06 -17.07 8.79
C GLY A 394 11.36 -16.44 8.36
N ASN A 395 11.32 -15.42 7.50
CA ASN A 395 12.55 -14.78 7.05
C ASN A 395 13.23 -13.98 8.15
N PHE A 396 12.55 -13.71 9.26
CA PHE A 396 13.20 -13.04 10.39
C PHE A 396 14.26 -13.93 11.02
N SER A 397 13.86 -15.12 11.46
CA SER A 397 14.80 -16.06 12.08
C SER A 397 15.84 -16.54 11.06
N GLU A 398 15.42 -16.72 9.81
CA GLU A 398 16.33 -17.21 8.78
C GLU A 398 17.42 -16.19 8.48
N LEU A 399 17.08 -14.90 8.51
CA LEU A 399 18.08 -13.86 8.23
C LEU A 399 19.02 -13.65 9.41
N PHE A 400 18.50 -13.73 10.64
CA PHE A 400 19.36 -13.67 11.81
C PHE A 400 20.37 -14.81 11.82
N LYS A 401 19.89 -16.04 11.59
CA LYS A 401 20.78 -17.20 11.59
C LYS A 401 21.80 -17.11 10.47
N SER A 402 21.37 -16.66 9.31
CA SER A 402 22.25 -16.54 8.18
C SER A 402 23.36 -15.57 8.52
N ILE A 403 22.99 -14.44 9.06
CA ILE A 403 24.00 -13.45 9.44
C ILE A 403 25.08 -14.10 10.30
N GLU A 404 24.66 -14.93 11.26
CA GLU A 404 25.63 -15.58 12.14
C GLU A 404 26.47 -16.61 11.37
N GLU A 405 25.84 -17.38 10.48
CA GLU A 405 26.58 -18.35 9.70
C GLU A 405 27.59 -17.70 8.77
N TYR A 406 27.27 -16.52 8.23
CA TYR A 406 28.20 -15.81 7.35
C TYR A 406 29.44 -15.38 8.10
N GLU A 407 29.26 -14.74 9.25
CA GLU A 407 30.39 -14.29 10.06
C GLU A 407 31.36 -15.43 10.33
N LYS A 408 30.83 -16.61 10.62
CA LYS A 408 31.65 -17.80 10.83
C LYS A 408 32.38 -18.18 9.55
CO CO B . 4.53 -7.25 3.81
C10 YD2 C . 5.24 -8.25 8.63
C13 YD2 C . 2.54 -8.42 7.57
C20 YD2 C . 11.67 -7.53 8.06
C21 YD2 C . 7.24 -5.33 8.16
C24 YD2 C . 10.19 -10.57 5.67
C26 YD2 C . 14.34 -9.22 9.19
C28 YD2 C . 16.60 -8.58 8.67
C01 YD2 C . 8.55 -8.51 6.51
C02 YD2 C . 9.88 -8.51 6.90
C03 YD2 C . 10.36 -7.50 7.69
C04 YD2 C . 9.50 -6.47 8.09
C05 YD2 C . 8.17 -6.46 7.70
C06 YD2 C . 7.71 -7.50 6.91
C07 YD2 C . 6.27 -7.61 6.41
C08 YD2 C . 5.09 -7.91 7.34
O09 YD2 C . 6.09 -7.50 5.24
C11 YD2 C . 4.05 -8.39 9.57
C12 YD2 C . 2.72 -7.88 8.98
C14 YD2 C . 3.70 -7.92 6.72
O15 YD2 C . 6.42 -8.84 9.07
O16 YD2 C . 3.51 -7.53 5.61
N17 YD2 C . 10.68 -9.49 6.51
C18 YD2 C . 11.98 -9.51 6.89
N19 YD2 C . 12.47 -8.52 7.68
O22 YD2 C . 12.10 -6.67 8.74
O23 YD2 C . 12.67 -10.40 6.52
C25 YD2 C . 13.89 -8.55 8.04
C27 YD2 C . 15.71 -9.23 9.51
C29 YD2 C . 16.14 -7.92 7.54
C30 YD2 C . 14.79 -7.91 7.23
F31 YD2 C . 17.95 -8.54 8.91
#